data_9BPX
#
_entry.id   9BPX
#
_cell.length_a   101.731
_cell.length_b   58.294
_cell.length_c   87.011
_cell.angle_alpha   90.00
_cell.angle_beta   103.52
_cell.angle_gamma   90.00
#
_symmetry.space_group_name_H-M   'C 1 2 1'
#
loop_
_entity.id
_entity.type
_entity.pdbx_description
1 polymer 'Estrogen receptor'
2 non-polymer HISTIDINE
3 non-polymer "[(1'R)-1'-(4-{[(3R)-1-(3-fluoropropyl)pyrrolidin-3-yl]methoxy}phenyl)-6'-hydroxy-1',4'-dihydro-2'H-spiro[cyclopropane-1,3'-isoquinolin]-2'-yl](phenyl)methanone"
4 non-polymer "[(1'R)-1'-(4-{[(3S)-1-(3-fluoropropyl)-2,3-dihydro-1H-pyrrol-3-yl]methoxy}phenyl)-6'-hydroxy-1',4'-dihydro-2'H-spiro[cyclopropane-1,3'-isoquinolin]-2'-yl](phenyl)methanone"
5 water water
#
_entity_poly.entity_id   1
_entity_poly.type   'polypeptide(L)'
_entity_poly.pdbx_seq_one_letter_code
;HHHHHHENLYFQSLALSLTADQMVSALLDAEPPILYSEYDPTRPFSEASMMGLLTNLADRELVHMINWAKRVPGFVDLTL
HDQVHLLESAWLEILMIGLVWRSMEHPGKLLFAPNLLLDRNQGKSVEGMVEIFDMLLATSSRFRMMNLQGEEFVCLKSII
LLNSGVYTFLSSTLKSLEEKDHIHRVLDKITDTLIHLMAKAGLTLQQQHQRLAQLLLILSHIRHMSNKGMEHLYSMKSKN
VVPLSDLLLEMLDAHRLHAPTS
;
_entity_poly.pdbx_strand_id   A,B
#
loop_
_chem_comp.id
_chem_comp.type
_chem_comp.name
_chem_comp.formula
A1BV9 non-polymer [(1'R)-1'-(4-{[(3S)-1-(3-fluoropropyl)-2,3-dihydro-1H-pyrrol-3-yl]methoxy}phenyl)-6'-hydroxy-1',4'-dihydro-2'H-spiro[cyclopropane-1,3'-isoquinolin]-2'-yl](phenyl)methanone 'C32 H33 F N2 O3'
TZI non-polymer [(1'R)-1'-(4-{[(3R)-1-(3-fluoropropyl)pyrrolidin-3-yl]methoxy}phenyl)-6'-hydroxy-1',4'-dihydro-2'H-spiro[cyclopropane-1,3'-isoquinolin]-2'-yl](phenyl)methanone 'C32 H35 F N2 O3'
#
# COMPACT_ATOMS: atom_id res chain seq x y z
N LEU A 14 10.13 25.73 5.99
CA LEU A 14 9.51 26.31 4.79
C LEU A 14 8.27 25.52 4.38
N ALA A 15 8.47 24.23 4.08
CA ALA A 15 7.36 23.39 3.63
C ALA A 15 6.34 23.16 4.74
N LEU A 16 6.79 23.10 5.99
CA LEU A 16 5.88 22.85 7.10
C LEU A 16 5.06 24.07 7.48
N SER A 17 5.39 25.25 6.95
CA SER A 17 4.66 26.47 7.23
C SER A 17 3.68 26.85 6.13
N LEU A 18 3.59 26.05 5.07
CA LEU A 18 2.65 26.34 4.00
C LEU A 18 1.22 26.06 4.44
N THR A 19 0.30 26.90 4.00
CA THR A 19 -1.11 26.60 4.18
C THR A 19 -1.56 25.52 3.20
N ALA A 20 -2.80 25.07 3.37
CA ALA A 20 -3.33 24.04 2.47
C ALA A 20 -3.46 24.57 1.05
N ASP A 21 -3.86 25.83 0.89
CA ASP A 21 -4.00 26.39 -0.45
C ASP A 21 -2.64 26.62 -1.08
N GLN A 22 -1.67 27.09 -0.31
CA GLN A 22 -0.32 27.22 -0.83
C GLN A 22 0.31 25.87 -1.14
N MET A 23 -0.13 24.81 -0.47
CA MET A 23 0.37 23.48 -0.79
C MET A 23 -0.30 22.90 -2.04
N VAL A 24 -1.58 23.18 -2.23
CA VAL A 24 -2.24 22.82 -3.49
C VAL A 24 -1.59 23.55 -4.66
N SER A 25 -1.36 24.85 -4.49
CA SER A 25 -0.81 25.65 -5.57
C SER A 25 0.59 25.17 -5.97
N ALA A 26 1.43 24.86 -4.97
CA ALA A 26 2.77 24.38 -5.27
C ALA A 26 2.74 23.02 -5.96
N LEU A 27 1.80 22.16 -5.58
CA LEU A 27 1.72 20.84 -6.19
C LEU A 27 1.13 20.93 -7.60
N LEU A 28 0.11 21.77 -7.79
CA LEU A 28 -0.43 21.98 -9.14
C LEU A 28 0.62 22.61 -10.05
N ASP A 29 1.42 23.53 -9.53
N ASP A 29 1.42 23.54 -9.53
CA ASP A 29 2.45 24.16 -10.33
CA ASP A 29 2.46 24.16 -10.34
C ASP A 29 3.60 23.21 -10.63
C ASP A 29 3.59 23.19 -10.64
N ALA A 30 3.86 22.25 -9.73
CA ALA A 30 4.92 21.26 -9.95
C ALA A 30 4.53 20.18 -10.93
N GLU A 31 3.26 20.15 -11.36
CA GLU A 31 2.78 19.05 -12.19
C GLU A 31 3.57 18.97 -13.49
N PRO A 32 4.10 17.82 -13.85
CA PRO A 32 4.87 17.69 -15.08
C PRO A 32 3.95 17.72 -16.30
N PRO A 33 4.49 17.95 -17.49
CA PRO A 33 3.65 17.95 -18.69
C PRO A 33 3.26 16.54 -19.10
N ILE A 34 2.20 16.48 -19.90
CA ILE A 34 1.76 15.22 -20.51
C ILE A 34 2.61 14.99 -21.76
N LEU A 35 3.43 13.95 -21.73
CA LEU A 35 4.34 13.67 -22.83
C LEU A 35 3.66 12.82 -23.89
N TYR A 36 4.22 12.86 -25.10
CA TYR A 36 3.69 12.15 -26.24
C TYR A 36 4.60 10.98 -26.62
N SER A 37 4.00 9.97 -27.24
CA SER A 37 4.79 8.93 -27.87
C SER A 37 5.44 9.46 -29.13
N GLU A 38 6.53 8.81 -29.53
CA GLU A 38 7.32 9.29 -30.65
C GLU A 38 6.54 9.19 -31.96
N TYR A 39 6.62 10.26 -32.76
CA TYR A 39 5.98 10.31 -34.07
C TYR A 39 7.00 9.92 -35.15
N ASP A 40 7.40 8.65 -35.12
CA ASP A 40 8.36 8.16 -36.10
C ASP A 40 7.63 7.41 -37.20
N PRO A 41 7.50 7.97 -38.41
CA PRO A 41 6.83 7.23 -39.48
C PRO A 41 7.55 5.96 -39.86
N THR A 42 8.88 5.94 -39.72
CA THR A 42 9.67 4.75 -40.00
C THR A 42 9.69 3.78 -38.83
N ARG A 43 8.82 4.01 -37.85
CA ARG A 43 8.58 3.10 -36.75
C ARG A 43 7.10 3.14 -36.39
N PRO A 44 6.21 2.71 -37.28
CA PRO A 44 4.78 2.74 -36.97
C PRO A 44 4.45 1.79 -35.83
N PHE A 45 3.30 2.04 -35.20
CA PHE A 45 2.91 1.25 -34.05
C PHE A 45 2.61 -0.18 -34.45
N SER A 46 3.07 -1.12 -33.63
CA SER A 46 2.84 -2.54 -33.85
C SER A 46 3.07 -3.26 -32.52
N GLU A 47 2.74 -4.55 -32.51
CA GLU A 47 2.97 -5.34 -31.30
C GLU A 47 4.45 -5.46 -30.99
N ALA A 48 5.30 -5.50 -32.02
CA ALA A 48 6.73 -5.65 -31.79
C ALA A 48 7.35 -4.38 -31.22
N SER A 49 6.95 -3.22 -31.75
CA SER A 49 7.53 -1.95 -31.34
C SER A 49 6.83 -1.33 -30.13
N MET A 50 5.83 -2.01 -29.57
CA MET A 50 5.03 -1.41 -28.50
C MET A 50 5.86 -1.12 -27.25
N MET A 51 6.62 -2.11 -26.79
CA MET A 51 7.39 -1.91 -25.56
C MET A 51 8.52 -0.91 -25.75
N GLY A 52 9.07 -0.82 -26.96
CA GLY A 52 10.07 0.20 -27.21
C GLY A 52 9.50 1.61 -27.08
N LEU A 53 8.29 1.82 -27.60
CA LEU A 53 7.64 3.12 -27.47
C LEU A 53 7.31 3.42 -26.02
N LEU A 54 6.79 2.42 -25.28
CA LEU A 54 6.42 2.65 -23.89
C LEU A 54 7.64 2.86 -23.02
N THR A 55 8.74 2.16 -23.28
CA THR A 55 9.97 2.36 -22.53
C THR A 55 10.55 3.75 -22.78
N ASN A 56 10.56 4.17 -24.04
CA ASN A 56 11.07 5.51 -24.36
C ASN A 56 10.21 6.59 -23.72
N LEU A 57 8.89 6.40 -23.70
CA LEU A 57 8.01 7.37 -23.07
C LEU A 57 8.25 7.43 -21.56
N ALA A 58 8.42 6.27 -20.92
CA ALA A 58 8.67 6.26 -19.48
C ALA A 58 10.02 6.88 -19.15
N ASP A 59 11.02 6.67 -20.01
CA ASP A 59 12.33 7.28 -19.80
C ASP A 59 12.24 8.80 -19.83
N ARG A 60 11.50 9.34 -20.79
CA ARG A 60 11.33 10.79 -20.86
C ARG A 60 10.48 11.31 -19.71
N GLU A 61 9.47 10.53 -19.30
CA GLU A 61 8.66 10.92 -18.15
C GLU A 61 9.48 10.95 -16.87
N LEU A 62 10.44 10.02 -16.74
CA LEU A 62 11.23 9.95 -15.52
C LEU A 62 12.09 11.19 -15.33
N VAL A 63 12.57 11.79 -16.43
CA VAL A 63 13.32 13.04 -16.32
C VAL A 63 12.44 14.14 -15.75
N HIS A 64 11.19 14.22 -16.22
CA HIS A 64 10.27 15.22 -15.70
C HIS A 64 9.81 14.88 -14.29
N MET A 65 9.79 13.59 -13.94
CA MET A 65 9.45 13.20 -12.58
C MET A 65 10.49 13.72 -11.58
N ILE A 66 11.75 13.82 -12.00
CA ILE A 66 12.80 14.30 -11.11
C ILE A 66 12.54 15.76 -10.75
N ASN A 67 12.26 16.59 -11.76
CA ASN A 67 11.95 17.99 -11.50
C ASN A 67 10.70 18.14 -10.65
N TRP A 68 9.68 17.34 -10.93
CA TRP A 68 8.45 17.39 -10.14
C TRP A 68 8.73 17.09 -8.67
N ALA A 69 9.54 16.06 -8.42
CA ALA A 69 9.86 15.69 -7.04
C ALA A 69 10.57 16.83 -6.32
N LYS A 70 11.55 17.44 -6.98
CA LYS A 70 12.29 18.55 -6.37
C LYS A 70 11.38 19.74 -6.06
N ARG A 71 10.20 19.81 -6.68
CA ARG A 71 9.27 20.90 -6.43
C ARG A 71 8.16 20.50 -5.47
N VAL A 72 8.12 19.26 -5.02
CA VAL A 72 7.20 18.85 -3.96
C VAL A 72 7.73 19.43 -2.66
N PRO A 73 6.94 20.22 -1.94
CA PRO A 73 7.45 20.92 -0.76
C PRO A 73 8.03 19.96 0.26
N GLY A 74 9.25 20.25 0.70
CA GLY A 74 9.95 19.43 1.68
C GLY A 74 10.87 18.37 1.11
N PHE A 75 10.75 18.08 -0.20
CA PHE A 75 11.55 17.00 -0.77
C PHE A 75 13.04 17.36 -0.83
N VAL A 76 13.36 18.59 -1.25
CA VAL A 76 14.76 19.00 -1.33
C VAL A 76 15.38 19.29 0.03
N ASP A 77 14.58 19.30 1.10
CA ASP A 77 15.15 19.43 2.43
C ASP A 77 15.88 18.16 2.86
N LEU A 78 15.61 17.03 2.20
CA LEU A 78 16.26 15.77 2.50
C LEU A 78 17.62 15.69 1.81
N THR A 79 18.46 14.78 2.30
CA THR A 79 19.70 14.46 1.61
C THR A 79 19.39 13.82 0.27
N LEU A 80 20.32 13.98 -0.69
CA LEU A 80 20.03 13.40 -2.00
C LEU A 80 20.02 11.89 -1.95
N HIS A 81 20.80 11.29 -1.04
CA HIS A 81 20.75 9.83 -0.88
C HIS A 81 19.33 9.38 -0.52
N ASP A 82 18.67 10.11 0.38
CA ASP A 82 17.30 9.81 0.71
C ASP A 82 16.33 10.23 -0.39
N GLN A 83 16.68 11.29 -1.14
CA GLN A 83 15.87 11.64 -2.31
C GLN A 83 15.94 10.53 -3.36
N VAL A 84 17.12 9.94 -3.54
CA VAL A 84 17.27 8.84 -4.50
C VAL A 84 16.48 7.63 -4.05
N HIS A 85 16.58 7.27 -2.77
CA HIS A 85 15.87 6.09 -2.27
C HIS A 85 14.36 6.25 -2.40
N LEU A 86 13.85 7.43 -2.08
CA LEU A 86 12.41 7.66 -2.20
C LEU A 86 11.95 7.54 -3.64
N LEU A 87 12.73 8.08 -4.58
CA LEU A 87 12.35 8.02 -5.98
C LEU A 87 12.56 6.62 -6.55
N GLU A 88 13.59 5.91 -6.08
CA GLU A 88 13.79 4.52 -6.49
C GLU A 88 12.61 3.66 -6.08
N SER A 89 12.03 3.93 -4.91
CA SER A 89 10.93 3.12 -4.40
C SER A 89 9.59 3.50 -5.03
N ALA A 90 9.45 4.74 -5.51
CA ALA A 90 8.15 5.26 -5.89
C ALA A 90 7.98 5.54 -7.39
N TRP A 91 9.05 5.46 -8.17
CA TRP A 91 8.98 5.94 -9.55
C TRP A 91 7.94 5.17 -10.36
N LEU A 92 7.87 3.84 -10.19
CA LEU A 92 6.90 3.08 -10.96
C LEU A 92 5.49 3.37 -10.49
N GLU A 93 5.28 3.51 -9.17
CA GLU A 93 3.98 3.89 -8.66
C GLU A 93 3.52 5.24 -9.23
N ILE A 94 4.45 6.20 -9.32
CA ILE A 94 4.10 7.53 -9.83
C ILE A 94 3.73 7.45 -11.32
N LEU A 95 4.48 6.64 -12.08
CA LEU A 95 4.15 6.46 -13.49
C LEU A 95 2.76 5.84 -13.65
N MET A 96 2.44 4.83 -12.82
CA MET A 96 1.15 4.17 -12.95
C MET A 96 -0.01 5.08 -12.54
N ILE A 97 0.14 5.83 -11.45
CA ILE A 97 -0.95 6.70 -11.02
C ILE A 97 -1.14 7.85 -11.99
N GLY A 98 -0.06 8.29 -12.64
CA GLY A 98 -0.22 9.27 -13.72
C GLY A 98 -0.95 8.67 -14.90
N LEU A 99 -0.61 7.43 -15.26
CA LEU A 99 -1.33 6.73 -16.31
C LEU A 99 -2.80 6.55 -15.95
N VAL A 100 -3.06 6.11 -14.71
CA VAL A 100 -4.44 5.88 -14.27
C VAL A 100 -5.21 7.20 -14.27
N TRP A 101 -4.56 8.30 -13.90
CA TRP A 101 -5.21 9.60 -13.93
C TRP A 101 -5.52 10.02 -15.36
N ARG A 102 -4.57 9.83 -16.29
CA ARG A 102 -4.79 10.17 -17.68
C ARG A 102 -5.92 9.36 -18.30
N SER A 103 -6.06 8.11 -17.88
CA SER A 103 -7.03 7.19 -18.46
C SER A 103 -8.39 7.26 -17.80
N MET A 104 -8.59 8.20 -16.87
CA MET A 104 -9.84 8.27 -16.12
C MET A 104 -11.03 8.50 -17.04
N GLU A 105 -10.86 9.32 -18.07
CA GLU A 105 -11.94 9.67 -18.98
C GLU A 105 -12.02 8.75 -20.19
N HIS A 106 -11.34 7.61 -20.16
CA HIS A 106 -11.28 6.68 -21.29
C HIS A 106 -11.53 5.28 -20.76
N PRO A 107 -12.80 4.91 -20.56
CA PRO A 107 -13.11 3.61 -19.94
C PRO A 107 -12.60 2.45 -20.79
N GLY A 108 -12.06 1.44 -20.11
CA GLY A 108 -11.54 0.28 -20.78
C GLY A 108 -10.28 0.50 -21.58
N LYS A 109 -9.66 1.67 -21.45
CA LYS A 109 -8.47 2.00 -22.22
C LYS A 109 -7.47 2.71 -21.33
N LEU A 110 -6.19 2.62 -21.70
CA LEU A 110 -5.11 3.28 -21.00
C LEU A 110 -4.49 4.33 -21.91
N LEU A 111 -4.55 5.59 -21.47
CA LEU A 111 -3.97 6.70 -22.24
C LEU A 111 -2.53 6.87 -21.77
N PHE A 112 -1.64 6.06 -22.37
CA PHE A 112 -0.21 6.22 -22.12
C PHE A 112 0.27 7.59 -22.60
N ALA A 113 -0.23 8.01 -23.76
CA ALA A 113 0.03 9.33 -24.30
C ALA A 113 -1.19 9.75 -25.09
N PRO A 114 -1.37 11.04 -25.37
CA PRO A 114 -2.50 11.45 -26.22
C PRO A 114 -2.50 10.80 -27.59
N ASN A 115 -1.33 10.38 -28.08
CA ASN A 115 -1.22 9.65 -29.33
C ASN A 115 -0.96 8.16 -29.11
N LEU A 116 -1.21 7.66 -27.90
CA LEU A 116 -0.98 6.25 -27.55
C LEU A 116 -2.10 5.82 -26.59
N LEU A 117 -3.28 5.61 -27.14
CA LEU A 117 -4.42 5.10 -26.39
C LEU A 117 -4.58 3.62 -26.72
N LEU A 118 -4.36 2.77 -25.74
CA LEU A 118 -4.35 1.32 -25.93
C LEU A 118 -5.55 0.68 -25.24
N ASP A 119 -6.17 -0.27 -25.91
CA ASP A 119 -7.26 -1.03 -25.33
C ASP A 119 -6.73 -2.35 -24.76
N ARG A 120 -7.64 -3.14 -24.18
CA ARG A 120 -7.24 -4.36 -23.50
C ARG A 120 -6.62 -5.36 -24.46
N ASN A 121 -7.15 -5.45 -25.69
CA ASN A 121 -6.69 -6.47 -26.62
C ASN A 121 -5.25 -6.24 -27.05
N GLN A 122 -4.82 -4.98 -27.14
CA GLN A 122 -3.44 -4.70 -27.52
C GLN A 122 -2.46 -5.09 -26.41
N GLY A 123 -2.94 -5.25 -25.18
CA GLY A 123 -2.08 -5.75 -24.11
C GLY A 123 -1.88 -7.25 -24.14
N LYS A 124 -2.80 -7.99 -24.76
CA LYS A 124 -2.66 -9.44 -24.85
C LYS A 124 -1.48 -9.87 -25.71
N SER A 125 -0.97 -8.98 -26.57
CA SER A 125 0.15 -9.35 -27.43
C SER A 125 1.40 -9.67 -26.63
N VAL A 126 1.60 -9.00 -25.50
CA VAL A 126 2.72 -9.28 -24.59
C VAL A 126 2.20 -10.16 -23.46
N GLU A 127 2.87 -11.29 -23.24
CA GLU A 127 2.41 -12.25 -22.24
C GLU A 127 2.67 -11.69 -20.83
N GLY A 128 1.64 -11.75 -19.98
CA GLY A 128 1.71 -11.18 -18.67
C GLY A 128 1.29 -9.73 -18.58
N MET A 129 1.02 -9.08 -19.72
CA MET A 129 0.70 -7.65 -19.74
C MET A 129 -0.75 -7.39 -19.34
N VAL A 130 -1.68 -8.24 -19.79
CA VAL A 130 -3.10 -7.94 -19.59
C VAL A 130 -3.46 -8.00 -18.12
N GLU A 131 -2.74 -8.77 -17.31
CA GLU A 131 -3.02 -8.81 -15.88
C GLU A 131 -2.74 -7.46 -15.24
N ILE A 132 -1.58 -6.87 -15.55
CA ILE A 132 -1.28 -5.53 -15.07
C ILE A 132 -2.21 -4.52 -15.74
N PHE A 133 -2.52 -4.75 -17.02
CA PHE A 133 -3.42 -3.87 -17.76
C PHE A 133 -4.78 -3.78 -17.07
N ASP A 134 -5.31 -4.93 -16.64
CA ASP A 134 -6.64 -4.95 -16.02
C ASP A 134 -6.63 -4.26 -14.66
N MET A 135 -5.52 -4.41 -13.91
CA MET A 135 -5.43 -3.74 -12.62
C MET A 135 -5.40 -2.22 -12.80
N LEU A 136 -4.67 -1.75 -13.82
CA LEU A 136 -4.66 -0.31 -14.09
C LEU A 136 -6.02 0.18 -14.54
N LEU A 137 -6.74 -0.64 -15.33
CA LEU A 137 -8.08 -0.28 -15.76
C LEU A 137 -9.03 -0.18 -14.58
N ALA A 138 -8.93 -1.12 -13.63
CA ALA A 138 -9.82 -1.10 -12.47
C ALA A 138 -9.55 0.10 -11.58
N THR A 139 -8.28 0.49 -11.45
CA THR A 139 -7.96 1.69 -10.68
C THR A 139 -8.51 2.94 -11.36
N SER A 140 -8.43 2.99 -12.68
CA SER A 140 -8.99 4.12 -13.42
C SER A 140 -10.51 4.18 -13.25
N SER A 141 -11.16 3.02 -13.20
CA SER A 141 -12.59 2.98 -12.94
C SER A 141 -12.90 3.42 -11.52
N ARG A 142 -12.03 3.07 -10.57
CA ARG A 142 -12.22 3.48 -9.18
C ARG A 142 -12.12 4.99 -9.05
N PHE A 143 -11.09 5.59 -9.68
CA PHE A 143 -10.98 7.05 -9.69
C PHE A 143 -12.19 7.69 -10.36
N ARG A 144 -12.67 7.10 -11.46
CA ARG A 144 -13.81 7.65 -12.17
C ARG A 144 -15.08 7.57 -11.32
N MET A 145 -15.32 6.43 -10.68
CA MET A 145 -16.48 6.28 -9.82
C MET A 145 -16.42 7.23 -8.62
N MET A 146 -15.21 7.57 -8.17
CA MET A 146 -15.03 8.48 -7.05
C MET A 146 -15.03 9.94 -7.47
N ASN A 147 -15.00 10.23 -8.77
CA ASN A 147 -14.85 11.60 -9.27
C ASN A 147 -13.62 12.26 -8.66
N LEU A 148 -12.47 11.59 -8.82
CA LEU A 148 -11.22 12.11 -8.28
C LEU A 148 -10.89 13.47 -8.91
N GLN A 149 -10.52 14.42 -8.06
CA GLN A 149 -10.20 15.76 -8.50
C GLN A 149 -8.69 15.91 -8.69
N GLY A 150 -8.32 16.81 -9.59
CA GLY A 150 -6.90 17.03 -9.85
C GLY A 150 -6.14 17.49 -8.62
N GLU A 151 -6.79 18.31 -7.79
CA GLU A 151 -6.17 18.75 -6.54
C GLU A 151 -5.92 17.57 -5.61
N GLU A 152 -6.82 16.58 -5.62
CA GLU A 152 -6.60 15.37 -4.84
C GLU A 152 -5.53 14.49 -5.46
N PHE A 153 -5.46 14.46 -6.79
CA PHE A 153 -4.50 13.60 -7.48
C PHE A 153 -3.06 14.01 -7.17
N VAL A 154 -2.79 15.31 -7.22
CA VAL A 154 -1.43 15.78 -6.95
C VAL A 154 -1.04 15.52 -5.49
N CYS A 155 -2.02 15.51 -4.58
CA CYS A 155 -1.73 15.15 -3.20
C CYS A 155 -1.40 13.66 -3.09
N LEU A 156 -2.17 12.80 -3.76
CA LEU A 156 -1.92 11.36 -3.72
C LEU A 156 -0.55 11.04 -4.32
N LYS A 157 -0.19 11.71 -5.41
CA LYS A 157 1.11 11.46 -6.03
C LYS A 157 2.25 11.90 -5.12
N SER A 158 2.07 13.03 -4.43
CA SER A 158 3.10 13.49 -3.49
C SER A 158 3.21 12.57 -2.29
N ILE A 159 2.09 12.00 -1.84
CA ILE A 159 2.13 11.04 -0.74
C ILE A 159 2.93 9.82 -1.14
N ILE A 160 2.73 9.32 -2.36
CA ILE A 160 3.46 8.16 -2.84
C ILE A 160 4.96 8.44 -2.83
N LEU A 161 5.35 9.63 -3.29
CA LEU A 161 6.76 10.00 -3.34
C LEU A 161 7.41 9.92 -1.96
N LEU A 162 6.70 10.36 -0.93
CA LEU A 162 7.28 10.45 0.41
C LEU A 162 7.06 9.19 1.24
N ASN A 163 6.01 8.42 0.95
CA ASN A 163 5.66 7.28 1.79
C ASN A 163 6.25 5.97 1.31
N SER A 164 6.44 5.80 0.00
CA SER A 164 6.76 4.48 -0.54
C SER A 164 8.09 3.95 -0.02
N GLY A 165 9.07 4.84 0.21
CA GLY A 165 10.37 4.42 0.68
C GLY A 165 10.70 4.75 2.11
N VAL A 166 9.75 5.28 2.89
CA VAL A 166 10.06 5.75 4.24
C VAL A 166 10.22 4.62 5.24
N TYR A 167 9.74 3.41 4.92
CA TYR A 167 9.88 2.27 5.81
C TYR A 167 11.03 1.34 5.42
N THR A 168 11.90 1.77 4.51
CA THR A 168 12.99 0.92 4.02
C THR A 168 14.28 1.71 3.88
N PHE A 169 14.54 2.61 4.82
CA PHE A 169 15.79 3.37 4.82
C PHE A 169 16.95 2.51 5.32
N SER A 172 18.77 4.43 10.54
CA SER A 172 19.02 4.18 11.95
C SER A 172 19.87 5.30 12.56
N THR A 173 20.59 6.02 11.71
CA THR A 173 21.43 7.11 12.17
C THR A 173 20.59 8.29 12.67
N LEU A 174 21.24 9.18 13.42
CA LEU A 174 20.57 10.37 13.91
C LEU A 174 20.03 11.21 12.76
N LYS A 175 20.80 11.32 11.68
CA LYS A 175 20.31 12.01 10.48
C LYS A 175 19.09 11.30 9.90
N SER A 176 19.13 9.97 9.83
CA SER A 176 18.01 9.22 9.28
C SER A 176 16.76 9.40 10.13
N LEU A 177 16.91 9.60 11.44
CA LEU A 177 15.76 9.84 12.29
C LEU A 177 15.17 11.23 12.05
N GLU A 178 16.03 12.21 11.77
CA GLU A 178 15.54 13.54 11.42
C GLU A 178 14.82 13.51 10.07
N GLU A 179 15.38 12.80 9.08
CA GLU A 179 14.76 12.72 7.77
C GLU A 179 13.39 12.07 7.83
N LYS A 180 13.29 10.96 8.56
CA LYS A 180 12.01 10.25 8.66
C LYS A 180 10.97 11.12 9.35
N ASP A 181 11.35 11.82 10.42
CA ASP A 181 10.42 12.72 11.09
C ASP A 181 9.96 13.84 10.15
N HIS A 182 10.88 14.38 9.37
CA HIS A 182 10.52 15.43 8.42
C HIS A 182 9.59 14.90 7.33
N ILE A 183 9.86 13.71 6.82
CA ILE A 183 9.00 13.12 5.80
C ILE A 183 7.58 12.93 6.35
N HIS A 184 7.47 12.48 7.60
CA HIS A 184 6.16 12.27 8.20
C HIS A 184 5.49 13.60 8.56
N ARG A 185 6.27 14.63 8.87
CA ARG A 185 5.70 15.95 9.09
C ARG A 185 5.13 16.52 7.80
N VAL A 186 5.82 16.31 6.68
CA VAL A 186 5.32 16.79 5.40
C VAL A 186 4.12 15.96 4.96
N LEU A 187 4.15 14.65 5.22
CA LEU A 187 3.00 13.81 4.89
C LEU A 187 1.76 14.24 5.67
N ASP A 188 1.93 14.61 6.94
CA ASP A 188 0.80 15.11 7.72
C ASP A 188 0.23 16.38 7.09
N LYS A 189 1.10 17.25 6.56
CA LYS A 189 0.62 18.48 5.96
C LYS A 189 -0.11 18.23 4.64
N ILE A 190 0.29 17.17 3.92
CA ILE A 190 -0.50 16.77 2.75
C ILE A 190 -1.85 16.23 3.19
N THR A 191 -1.88 15.51 4.31
CA THR A 191 -3.16 15.01 4.83
C THR A 191 -4.07 16.17 5.22
N ASP A 192 -3.51 17.18 5.91
CA ASP A 192 -4.27 18.39 6.19
C ASP A 192 -4.78 19.03 4.91
N THR A 193 -3.95 19.01 3.86
CA THR A 193 -4.33 19.60 2.59
C THR A 193 -5.46 18.82 1.93
N LEU A 194 -5.40 17.49 1.98
CA LEU A 194 -6.45 16.66 1.40
C LEU A 194 -7.78 16.91 2.11
N ILE A 195 -7.76 16.97 3.44
CA ILE A 195 -8.98 17.21 4.20
C ILE A 195 -9.52 18.60 3.91
N HIS A 196 -8.63 19.60 3.83
CA HIS A 196 -9.07 20.95 3.52
C HIS A 196 -9.73 21.03 2.16
N LEU A 197 -9.21 20.28 1.19
CA LEU A 197 -9.85 20.23 -0.13
C LEU A 197 -11.23 19.59 -0.05
N MET A 198 -11.39 18.60 0.83
CA MET A 198 -12.67 17.92 0.96
C MET A 198 -13.68 18.78 1.72
N ALA A 199 -13.22 19.49 2.76
CA ALA A 199 -14.11 20.43 3.44
C ALA A 199 -14.50 21.58 2.53
N LYS A 200 -13.57 22.05 1.69
CA LYS A 200 -13.86 23.12 0.75
C LYS A 200 -14.85 22.70 -0.32
N ALA A 201 -15.03 21.39 -0.53
CA ALA A 201 -15.96 20.88 -1.53
C ALA A 201 -17.35 20.60 -0.97
N GLY A 202 -17.57 20.82 0.33
CA GLY A 202 -18.85 20.62 0.94
C GLY A 202 -19.03 19.30 1.66
N LEU A 203 -18.03 18.43 1.65
CA LEU A 203 -18.14 17.14 2.32
C LEU A 203 -18.24 17.32 3.83
N THR A 204 -19.12 16.55 4.46
CA THR A 204 -19.21 16.55 5.91
C THR A 204 -17.96 15.92 6.52
N LEU A 205 -17.78 16.14 7.82
CA LEU A 205 -16.59 15.63 8.50
C LEU A 205 -16.51 14.10 8.39
N GLN A 206 -17.64 13.42 8.51
CA GLN A 206 -17.65 11.98 8.31
C GLN A 206 -17.28 11.62 6.87
N GLN A 207 -17.80 12.38 5.90
CA GLN A 207 -17.48 12.13 4.51
C GLN A 207 -16.02 12.46 4.20
N GLN A 208 -15.44 13.44 4.91
CA GLN A 208 -14.04 13.79 4.70
C GLN A 208 -13.12 12.65 5.12
N HIS A 209 -13.33 12.12 6.34
CA HIS A 209 -12.52 11.00 6.80
C HIS A 209 -12.74 9.77 5.94
N GLN A 210 -13.98 9.53 5.51
CA GLN A 210 -14.26 8.36 4.69
C GLN A 210 -13.58 8.45 3.34
N ARG A 211 -13.64 9.61 2.69
CA ARG A 211 -13.00 9.75 1.38
C ARG A 211 -11.49 9.76 1.51
N LEU A 212 -10.96 10.35 2.58
CA LEU A 212 -9.52 10.26 2.83
C LEU A 212 -9.08 8.82 2.98
N ALA A 213 -9.87 8.00 3.69
CA ALA A 213 -9.54 6.59 3.84
C ALA A 213 -9.61 5.87 2.50
N GLN A 214 -10.67 6.13 1.72
CA GLN A 214 -10.84 5.46 0.44
C GLN A 214 -9.68 5.78 -0.51
N LEU A 215 -9.24 7.04 -0.52
CA LEU A 215 -8.17 7.42 -1.43
C LEU A 215 -6.84 6.79 -1.01
N LEU A 216 -6.56 6.72 0.29
CA LEU A 216 -5.29 6.17 0.74
C LEU A 216 -5.26 4.64 0.62
N LEU A 217 -6.43 4.00 0.70
CA LEU A 217 -6.47 2.55 0.50
C LEU A 217 -6.22 2.18 -0.96
N ILE A 218 -6.51 3.10 -1.89
CA ILE A 218 -6.17 2.88 -3.29
C ILE A 218 -4.66 2.82 -3.46
N LEU A 219 -3.91 3.53 -2.60
CA LEU A 219 -2.46 3.51 -2.68
C LEU A 219 -1.89 2.12 -2.41
N SER A 220 -2.60 1.31 -1.61
CA SER A 220 -2.16 -0.06 -1.40
C SER A 220 -2.25 -0.86 -2.69
N HIS A 221 -3.31 -0.64 -3.48
CA HIS A 221 -3.43 -1.32 -4.77
C HIS A 221 -2.39 -0.83 -5.75
N ILE A 222 -2.08 0.47 -5.74
CA ILE A 222 -1.06 1.00 -6.63
C ILE A 222 0.30 0.41 -6.30
N ARG A 223 0.60 0.24 -5.01
CA ARG A 223 1.82 -0.46 -4.62
C ARG A 223 1.79 -1.90 -5.12
N HIS A 224 0.64 -2.57 -4.98
CA HIS A 224 0.52 -3.94 -5.48
C HIS A 224 0.75 -4.00 -6.98
N MET A 225 0.18 -3.05 -7.72
CA MET A 225 0.41 -2.99 -9.16
C MET A 225 1.88 -2.74 -9.47
N SER A 226 2.53 -1.90 -8.65
CA SER A 226 3.95 -1.58 -8.86
C SER A 226 4.81 -2.82 -8.70
N ASN A 227 4.58 -3.59 -7.64
CA ASN A 227 5.37 -4.81 -7.43
C ASN A 227 5.15 -5.80 -8.57
N LYS A 228 3.89 -5.99 -8.98
CA LYS A 228 3.62 -6.86 -10.13
C LYS A 228 4.20 -6.28 -11.40
N GLY A 229 4.19 -4.95 -11.53
CA GLY A 229 4.80 -4.33 -12.69
C GLY A 229 6.31 -4.45 -12.71
N MET A 230 6.94 -4.46 -11.53
N MET A 230 6.94 -4.45 -11.54
CA MET A 230 8.39 -4.61 -11.48
CA MET A 230 8.39 -4.62 -11.47
C MET A 230 8.81 -6.03 -11.87
C MET A 230 8.80 -6.02 -11.88
N GLU A 231 8.04 -7.03 -11.46
CA GLU A 231 8.34 -8.41 -11.87
C GLU A 231 8.14 -8.57 -13.37
N HIS A 232 7.11 -7.91 -13.93
CA HIS A 232 6.86 -8.00 -15.36
C HIS A 232 7.94 -7.28 -16.16
N LEU A 233 8.36 -6.09 -15.70
CA LEU A 233 9.39 -5.34 -16.40
C LEU A 233 10.75 -6.03 -16.29
N TYR A 234 11.04 -6.64 -15.15
CA TYR A 234 12.28 -7.38 -15.00
C TYR A 234 12.29 -8.63 -15.87
N SER A 235 11.12 -9.19 -16.18
CA SER A 235 11.04 -10.37 -17.02
C SER A 235 11.40 -10.09 -18.47
N MET A 236 11.62 -8.83 -18.83
CA MET A 236 12.04 -8.47 -20.19
C MET A 236 13.54 -8.17 -20.23
N LEU A 244 19.00 2.20 -12.23
CA LEU A 244 18.21 3.42 -12.11
C LEU A 244 18.78 4.33 -11.03
N SER A 245 19.43 3.72 -10.03
CA SER A 245 19.95 4.48 -8.90
C SER A 245 20.97 5.52 -9.36
N ASP A 246 21.93 5.10 -10.18
CA ASP A 246 22.93 6.04 -10.68
C ASP A 246 22.29 7.14 -11.53
N LEU A 247 21.31 6.76 -12.37
CA LEU A 247 20.67 7.76 -13.21
C LEU A 247 19.83 8.72 -12.38
N LEU A 248 19.09 8.19 -11.39
CA LEU A 248 18.33 9.04 -10.50
C LEU A 248 19.24 10.03 -9.78
N LEU A 249 20.40 9.56 -9.33
CA LEU A 249 21.35 10.44 -8.67
C LEU A 249 21.83 11.53 -9.62
N GLU A 250 22.13 11.16 -10.87
CA GLU A 250 22.72 12.11 -11.81
C GLU A 250 21.79 13.29 -12.06
N MET A 251 20.48 13.04 -12.20
CA MET A 251 19.55 14.15 -12.37
C MET A 251 19.26 14.86 -11.05
N LEU A 252 19.19 14.11 -9.94
CA LEU A 252 18.92 14.74 -8.66
C LEU A 252 20.14 15.50 -8.15
N ASP A 253 21.34 14.99 -8.39
CA ASP A 253 22.57 15.65 -7.98
C ASP A 253 22.98 16.66 -9.05
N ALA A 254 22.20 17.73 -9.13
CA ALA A 254 22.48 18.79 -10.07
C ALA A 254 23.51 19.77 -9.47
N HIS A 255 24.18 20.49 -10.35
CA HIS A 255 25.08 21.54 -9.94
C HIS A 255 24.32 22.87 -9.85
N ARG A 256 25.03 23.94 -9.49
CA ARG A 256 24.46 25.27 -9.42
C ARG A 256 25.14 26.22 -10.38
N LEU A 257 25.63 25.69 -11.50
CA LEU A 257 26.44 26.47 -12.44
C LEU A 257 25.57 27.34 -13.33
N LEU B 14 -25.98 -5.06 7.17
CA LEU B 14 -26.77 -5.18 8.40
C LEU B 14 -25.86 -5.08 9.62
N ALA B 15 -24.57 -5.34 9.41
CA ALA B 15 -23.56 -4.96 10.38
C ALA B 15 -23.28 -3.46 10.35
N LEU B 16 -23.85 -2.75 9.39
CA LEU B 16 -23.77 -1.30 9.29
C LEU B 16 -24.60 -0.59 10.34
N SER B 17 -25.32 -1.33 11.19
CA SER B 17 -26.13 -0.76 12.25
C SER B 17 -25.46 -0.84 13.61
N LEU B 18 -24.20 -1.27 13.66
CA LEU B 18 -23.45 -1.27 14.90
C LEU B 18 -23.03 0.15 15.26
N THR B 19 -22.62 0.33 16.51
CA THR B 19 -21.97 1.56 16.90
C THR B 19 -20.46 1.39 16.79
N ALA B 20 -19.74 2.51 16.90
CA ALA B 20 -18.28 2.46 16.87
C ALA B 20 -17.75 1.62 18.03
N ASP B 21 -18.35 1.76 19.22
CA ASP B 21 -17.91 0.97 20.36
C ASP B 21 -18.28 -0.49 20.20
N GLN B 22 -19.46 -0.78 19.66
CA GLN B 22 -19.83 -2.17 19.38
C GLN B 22 -18.98 -2.77 18.28
N MET B 23 -18.55 -1.95 17.33
CA MET B 23 -17.62 -2.43 16.30
C MET B 23 -16.28 -2.82 16.92
N VAL B 24 -15.76 -1.99 17.84
CA VAL B 24 -14.54 -2.33 18.54
C VAL B 24 -14.71 -3.61 19.34
N SER B 25 -15.82 -3.71 20.09
CA SER B 25 -16.04 -4.87 20.94
C SER B 25 -16.16 -6.15 20.12
N ALA B 26 -16.77 -6.06 18.94
CA ALA B 26 -16.91 -7.24 18.09
C ALA B 26 -15.55 -7.67 17.53
N LEU B 27 -14.71 -6.71 17.15
CA LEU B 27 -13.40 -7.06 16.60
C LEU B 27 -12.46 -7.56 17.68
N LEU B 28 -12.53 -7.00 18.88
CA LEU B 28 -11.70 -7.47 19.98
C LEU B 28 -12.07 -8.90 20.36
N ASP B 29 -13.36 -9.21 20.41
CA ASP B 29 -13.81 -10.55 20.74
C ASP B 29 -13.50 -11.55 19.64
N ALA B 30 -13.24 -11.09 18.42
CA ALA B 30 -12.96 -11.96 17.29
C ALA B 30 -11.47 -12.28 17.15
N GLU B 31 -10.62 -11.72 18.00
CA GLU B 31 -9.18 -11.89 17.84
C GLU B 31 -8.79 -13.36 17.91
N PRO B 32 -7.97 -13.84 16.98
CA PRO B 32 -7.56 -15.25 17.02
C PRO B 32 -6.57 -15.50 18.13
N PRO B 33 -6.42 -16.74 18.56
CA PRO B 33 -5.43 -17.04 19.61
C PRO B 33 -4.01 -16.99 19.06
N ILE B 34 -3.06 -16.90 19.99
CA ILE B 34 -1.65 -16.94 19.64
C ILE B 34 -1.22 -18.41 19.63
N LEU B 35 -0.88 -18.93 18.46
CA LEU B 35 -0.51 -20.33 18.32
C LEU B 35 0.97 -20.51 18.62
N TYR B 36 1.35 -21.77 18.84
CA TYR B 36 2.71 -22.13 19.18
C TYR B 36 3.38 -22.86 18.02
N SER B 37 4.69 -22.70 17.93
CA SER B 37 5.46 -23.46 16.96
C SER B 37 5.41 -24.94 17.31
N GLU B 38 5.28 -25.78 16.28
CA GLU B 38 5.29 -27.22 16.48
C GLU B 38 6.73 -27.69 16.59
N TYR B 39 7.48 -27.11 17.52
CA TYR B 39 8.91 -27.29 17.64
C TYR B 39 9.24 -28.01 18.94
N ASP B 40 10.14 -28.98 18.85
CA ASP B 40 10.61 -29.72 20.02
C ASP B 40 11.42 -28.83 20.94
N PRO B 41 10.92 -28.46 22.11
CA PRO B 41 11.73 -27.65 23.03
C PRO B 41 12.95 -28.37 23.55
N THR B 42 13.07 -29.67 23.31
CA THR B 42 14.20 -30.46 23.76
C THR B 42 15.17 -30.86 22.66
N ARG B 43 14.71 -30.98 21.41
CA ARG B 43 15.59 -31.30 20.31
C ARG B 43 16.34 -30.05 19.84
N PRO B 44 17.52 -30.23 19.25
CA PRO B 44 18.33 -29.06 18.89
C PRO B 44 17.66 -28.19 17.84
N PHE B 45 17.98 -26.90 17.88
CA PHE B 45 17.49 -25.95 16.90
C PHE B 45 18.36 -25.95 15.66
N SER B 46 17.76 -25.60 14.52
CA SER B 46 18.49 -25.59 13.26
C SER B 46 17.80 -24.65 12.28
N GLU B 47 18.57 -24.15 11.33
CA GLU B 47 18.02 -23.25 10.31
C GLU B 47 17.40 -24.01 9.15
N ALA B 48 17.86 -25.23 8.89
CA ALA B 48 17.27 -26.03 7.82
C ALA B 48 15.82 -26.39 8.12
N SER B 49 15.46 -26.52 9.39
CA SER B 49 14.10 -26.83 9.80
C SER B 49 13.29 -25.57 10.12
N MET B 50 13.80 -24.40 9.78
CA MET B 50 13.12 -23.17 10.18
C MET B 50 11.96 -22.82 9.27
N MET B 51 12.02 -23.19 7.99
CA MET B 51 10.87 -22.99 7.11
C MET B 51 9.76 -23.97 7.44
N GLY B 52 10.12 -25.21 7.77
CA GLY B 52 9.11 -26.18 8.17
C GLY B 52 8.32 -25.72 9.37
N LEU B 53 9.00 -25.14 10.36
CA LEU B 53 8.30 -24.61 11.53
C LEU B 53 7.43 -23.41 11.17
N LEU B 54 7.93 -22.54 10.30
CA LEU B 54 7.18 -21.34 9.95
C LEU B 54 6.07 -21.63 8.95
N THR B 55 6.25 -22.63 8.08
CA THR B 55 5.17 -23.05 7.20
C THR B 55 4.08 -23.76 7.99
N ASN B 56 4.48 -24.67 8.89
CA ASN B 56 3.50 -25.36 9.72
C ASN B 56 2.73 -24.39 10.61
N LEU B 57 3.42 -23.41 11.18
CA LEU B 57 2.74 -22.42 12.03
C LEU B 57 1.78 -21.58 11.21
N ALA B 58 2.17 -21.17 10.01
CA ALA B 58 1.30 -20.35 9.18
C ALA B 58 0.06 -21.13 8.75
N ASP B 59 0.22 -22.42 8.44
CA ASP B 59 -0.92 -23.24 8.03
C ASP B 59 -1.93 -23.36 9.16
N ARG B 60 -1.45 -23.50 10.40
CA ARG B 60 -2.36 -23.62 11.53
C ARG B 60 -3.01 -22.29 11.87
N GLU B 61 -2.28 -21.18 11.69
CA GLU B 61 -2.87 -19.86 11.91
C GLU B 61 -3.94 -19.55 10.87
N LEU B 62 -3.82 -20.11 9.66
CA LEU B 62 -4.79 -19.84 8.61
C LEU B 62 -6.19 -20.28 9.02
N VAL B 63 -6.28 -21.39 9.75
CA VAL B 63 -7.59 -21.89 10.17
C VAL B 63 -8.26 -20.90 11.12
N HIS B 64 -7.53 -20.46 12.14
CA HIS B 64 -8.07 -19.48 13.07
C HIS B 64 -8.31 -18.13 12.42
N MET B 65 -7.60 -17.82 11.33
CA MET B 65 -7.90 -16.62 10.56
C MET B 65 -9.28 -16.70 9.95
N ILE B 66 -9.70 -17.90 9.54
CA ILE B 66 -11.04 -18.08 8.98
C ILE B 66 -12.09 -17.78 10.05
N ASN B 67 -11.89 -18.33 11.26
CA ASN B 67 -12.83 -18.07 12.35
C ASN B 67 -12.89 -16.57 12.67
N TRP B 68 -11.75 -15.89 12.62
CA TRP B 68 -11.72 -14.46 12.87
C TRP B 68 -12.44 -13.69 11.78
N ALA B 69 -12.25 -14.09 10.52
CA ALA B 69 -12.89 -13.39 9.42
C ALA B 69 -14.40 -13.52 9.48
N LYS B 70 -14.89 -14.70 9.88
CA LYS B 70 -16.34 -14.90 9.99
C LYS B 70 -16.97 -13.93 10.98
N ARG B 71 -16.20 -13.44 11.95
CA ARG B 71 -16.70 -12.57 13.00
C ARG B 71 -16.42 -11.09 12.73
N VAL B 72 -15.72 -10.77 11.64
CA VAL B 72 -15.57 -9.38 11.22
C VAL B 72 -16.94 -8.92 10.74
N PRO B 73 -17.53 -7.89 11.36
CA PRO B 73 -18.90 -7.51 11.02
C PRO B 73 -19.03 -7.14 9.54
N GLY B 74 -20.01 -7.75 8.88
CA GLY B 74 -20.25 -7.54 7.47
C GLY B 74 -19.59 -8.55 6.56
N PHE B 75 -18.69 -9.39 7.08
CA PHE B 75 -17.99 -10.35 6.24
C PHE B 75 -18.92 -11.45 5.75
N VAL B 76 -19.71 -12.03 6.66
CA VAL B 76 -20.61 -13.11 6.29
C VAL B 76 -21.74 -12.65 5.40
N ASP B 77 -21.96 -11.34 5.29
CA ASP B 77 -22.97 -10.83 4.37
C ASP B 77 -22.58 -11.04 2.92
N LEU B 78 -21.28 -11.17 2.64
CA LEU B 78 -20.80 -11.43 1.30
C LEU B 78 -21.07 -12.88 0.91
N THR B 79 -21.04 -13.14 -0.40
CA THR B 79 -21.15 -14.50 -0.88
C THR B 79 -19.90 -15.29 -0.51
N LEU B 80 -20.04 -16.63 -0.54
CA LEU B 80 -18.89 -17.48 -0.25
C LEU B 80 -17.76 -17.25 -1.24
N HIS B 81 -18.11 -16.97 -2.49
CA HIS B 81 -17.10 -16.65 -3.49
C HIS B 81 -16.30 -15.42 -3.10
N ASP B 82 -16.98 -14.39 -2.60
CA ASP B 82 -16.29 -13.16 -2.20
C ASP B 82 -15.55 -13.34 -0.89
N GLN B 83 -16.12 -14.10 0.05
CA GLN B 83 -15.43 -14.38 1.30
C GLN B 83 -14.12 -15.10 1.06
N VAL B 84 -14.14 -16.10 0.16
CA VAL B 84 -12.93 -16.86 -0.14
C VAL B 84 -11.93 -15.99 -0.90
N HIS B 85 -12.42 -15.17 -1.83
CA HIS B 85 -11.52 -14.34 -2.63
C HIS B 85 -10.82 -13.30 -1.76
N LEU B 86 -11.53 -12.73 -0.78
CA LEU B 86 -10.89 -11.77 0.12
C LEU B 86 -9.87 -12.45 1.03
N LEU B 87 -10.20 -13.64 1.53
CA LEU B 87 -9.27 -14.38 2.39
C LEU B 87 -8.04 -14.81 1.61
N GLU B 88 -8.23 -15.29 0.38
CA GLU B 88 -7.10 -15.72 -0.44
C GLU B 88 -6.17 -14.56 -0.78
N SER B 89 -6.71 -13.35 -0.87
CA SER B 89 -5.93 -12.19 -1.26
C SER B 89 -5.30 -11.47 -0.07
N ALA B 90 -5.80 -11.69 1.15
CA ALA B 90 -5.34 -10.93 2.30
C ALA B 90 -4.64 -11.76 3.37
N TRP B 91 -4.58 -13.09 3.21
CA TRP B 91 -4.15 -13.94 4.31
C TRP B 91 -2.70 -13.68 4.70
N LEU B 92 -1.82 -13.42 3.73
CA LEU B 92 -0.42 -13.19 4.05
C LEU B 92 -0.24 -11.85 4.74
N GLU B 93 -1.00 -10.83 4.33
CA GLU B 93 -0.94 -9.54 5.00
C GLU B 93 -1.40 -9.65 6.44
N ILE B 94 -2.40 -10.51 6.70
CA ILE B 94 -2.93 -10.64 8.05
C ILE B 94 -1.93 -11.37 8.95
N LEU B 95 -1.29 -12.42 8.43
CA LEU B 95 -0.23 -13.09 9.19
C LEU B 95 0.90 -12.13 9.52
N MET B 96 1.26 -11.26 8.57
CA MET B 96 2.40 -10.37 8.75
C MET B 96 2.09 -9.31 9.81
N ILE B 97 0.94 -8.63 9.68
CA ILE B 97 0.62 -7.57 10.64
C ILE B 97 0.36 -8.16 12.02
N GLY B 98 -0.14 -9.40 12.09
CA GLY B 98 -0.26 -10.06 13.38
C GLY B 98 1.10 -10.37 13.98
N LEU B 99 2.05 -10.80 13.14
CA LEU B 99 3.42 -11.00 13.59
C LEU B 99 4.04 -9.69 14.06
N VAL B 100 3.86 -8.63 13.26
CA VAL B 100 4.40 -7.32 13.61
C VAL B 100 3.80 -6.83 14.92
N TRP B 101 2.53 -7.13 15.16
CA TRP B 101 1.86 -6.66 16.37
C TRP B 101 2.45 -7.30 17.62
N ARG B 102 2.65 -8.61 17.59
CA ARG B 102 3.18 -9.34 18.76
C ARG B 102 4.69 -9.17 18.92
N SER B 103 5.37 -8.64 17.90
CA SER B 103 6.85 -8.48 17.94
C SER B 103 7.18 -7.03 18.33
N MET B 104 6.17 -6.24 18.66
CA MET B 104 6.36 -4.81 18.98
C MET B 104 7.24 -4.63 20.21
N GLU B 105 6.97 -5.35 21.30
CA GLU B 105 7.73 -5.17 22.56
C GLU B 105 9.04 -5.96 22.51
N HIS B 106 9.43 -6.44 21.34
CA HIS B 106 10.67 -7.22 21.19
C HIS B 106 11.50 -6.55 20.09
N PRO B 107 11.98 -5.32 20.32
CA PRO B 107 12.73 -4.60 19.30
C PRO B 107 13.88 -5.42 18.72
N GLY B 108 14.05 -5.37 17.40
CA GLY B 108 15.08 -6.15 16.74
C GLY B 108 14.79 -7.62 16.63
N LYS B 109 13.59 -8.06 17.01
CA LYS B 109 13.24 -9.48 16.98
C LYS B 109 11.81 -9.64 16.47
N LEU B 110 11.53 -10.84 15.98
CA LEU B 110 10.20 -11.20 15.48
C LEU B 110 9.68 -12.37 16.30
N LEU B 111 8.56 -12.15 16.99
CA LEU B 111 7.96 -13.18 17.84
C LEU B 111 6.92 -13.96 17.02
N PHE B 112 7.43 -14.92 16.25
CA PHE B 112 6.53 -15.78 15.46
C PHE B 112 5.61 -16.57 16.37
N ALA B 113 6.14 -17.06 17.49
CA ALA B 113 5.39 -17.77 18.50
C ALA B 113 6.07 -17.54 19.84
N PRO B 114 5.35 -17.73 20.95
CA PRO B 114 5.99 -17.53 22.27
C PRO B 114 7.24 -18.38 22.47
N ASN B 115 7.34 -19.52 21.78
CA ASN B 115 8.53 -20.36 21.83
C ASN B 115 9.41 -20.22 20.61
N LEU B 116 9.14 -19.22 19.75
CA LEU B 116 9.87 -19.03 18.50
C LEU B 116 10.12 -17.54 18.29
N LEU B 117 11.13 -17.02 19.00
CA LEU B 117 11.55 -15.64 18.89
C LEU B 117 12.88 -15.60 18.13
N LEU B 118 12.92 -14.84 17.03
CA LEU B 118 14.08 -14.81 16.16
C LEU B 118 14.56 -13.38 15.97
N ASP B 119 15.86 -13.23 15.76
CA ASP B 119 16.47 -11.97 15.38
C ASP B 119 16.92 -12.02 13.93
N ARG B 120 17.56 -10.94 13.48
CA ARG B 120 18.00 -10.84 12.08
C ARG B 120 18.90 -12.00 11.69
N ASN B 121 19.81 -12.40 12.60
CA ASN B 121 20.88 -13.31 12.22
C ASN B 121 20.36 -14.71 11.93
N GLN B 122 19.27 -15.13 12.57
CA GLN B 122 18.65 -16.40 12.20
C GLN B 122 18.00 -16.32 10.83
N GLY B 123 17.68 -15.12 10.35
CA GLY B 123 17.11 -14.97 9.02
C GLY B 123 18.13 -14.87 7.92
N LYS B 124 19.37 -14.47 8.24
CA LYS B 124 20.40 -14.35 7.21
C LYS B 124 20.83 -15.69 6.65
N SER B 125 20.53 -16.79 7.35
CA SER B 125 20.93 -18.12 6.88
C SER B 125 20.20 -18.54 5.62
N VAL B 126 19.25 -17.75 5.12
CA VAL B 126 18.39 -18.14 4.02
C VAL B 126 18.36 -17.00 3.00
N GLU B 127 18.52 -17.35 1.73
CA GLU B 127 18.54 -16.35 0.66
C GLU B 127 17.17 -15.70 0.53
N GLY B 128 17.13 -14.37 0.69
CA GLY B 128 15.91 -13.60 0.52
C GLY B 128 15.11 -13.37 1.78
N MET B 129 15.45 -14.03 2.89
CA MET B 129 14.67 -13.87 4.11
C MET B 129 14.99 -12.57 4.83
N VAL B 130 16.26 -12.19 4.90
CA VAL B 130 16.66 -11.04 5.70
C VAL B 130 16.05 -9.75 5.16
N GLU B 131 15.73 -9.71 3.87
CA GLU B 131 15.11 -8.52 3.31
C GLU B 131 13.69 -8.34 3.84
N ILE B 132 12.90 -9.41 3.84
CA ILE B 132 11.56 -9.34 4.39
C ILE B 132 11.63 -9.26 5.91
N PHE B 133 12.62 -9.91 6.52
CA PHE B 133 12.81 -9.80 7.97
C PHE B 133 13.00 -8.35 8.39
N ASP B 134 13.79 -7.59 7.62
CA ASP B 134 14.03 -6.19 7.95
C ASP B 134 12.78 -5.34 7.74
N MET B 135 12.03 -5.58 6.66
CA MET B 135 10.80 -4.84 6.46
C MET B 135 9.79 -5.10 7.57
N LEU B 136 9.74 -6.35 8.05
CA LEU B 136 8.86 -6.65 9.17
C LEU B 136 9.32 -5.97 10.45
N LEU B 137 10.64 -5.87 10.65
CA LEU B 137 11.16 -5.18 11.82
C LEU B 137 10.90 -3.68 11.73
N ALA B 138 10.99 -3.11 10.52
CA ALA B 138 10.70 -1.69 10.37
C ALA B 138 9.23 -1.38 10.63
N THR B 139 8.34 -2.31 10.28
CA THR B 139 6.92 -2.10 10.59
C THR B 139 6.66 -2.14 12.09
N SER B 140 7.33 -3.06 12.80
CA SER B 140 7.17 -3.14 14.24
C SER B 140 7.72 -1.88 14.91
N SER B 141 8.84 -1.36 14.40
CA SER B 141 9.37 -0.11 14.93
C SER B 141 8.43 1.06 14.64
N ARG B 142 7.81 1.05 13.46
CA ARG B 142 6.84 2.10 13.14
C ARG B 142 5.62 2.02 14.03
N PHE B 143 5.12 0.81 14.29
CA PHE B 143 4.05 0.63 15.26
C PHE B 143 4.46 1.13 16.64
N ARG B 144 5.70 0.83 17.04
CA ARG B 144 6.20 1.27 18.33
C ARG B 144 6.37 2.78 18.42
N MET B 145 6.68 3.44 17.31
CA MET B 145 6.83 4.90 17.35
C MET B 145 5.48 5.59 17.45
N MET B 146 4.47 5.11 16.72
CA MET B 146 3.13 5.68 16.81
C MET B 146 2.37 5.23 18.05
N ASN B 147 2.90 4.27 18.80
CA ASN B 147 2.22 3.68 19.95
C ASN B 147 0.84 3.16 19.54
N LEU B 148 0.87 2.19 18.63
CA LEU B 148 -0.36 1.61 18.10
C LEU B 148 -1.13 0.91 19.21
N GLN B 149 -2.43 1.19 19.29
CA GLN B 149 -3.29 0.58 20.28
C GLN B 149 -3.94 -0.68 19.72
N GLY B 150 -4.35 -1.58 20.62
CA GLY B 150 -4.97 -2.82 20.20
C GLY B 150 -6.27 -2.59 19.45
N GLU B 151 -7.05 -1.60 19.89
CA GLU B 151 -8.29 -1.26 19.19
C GLU B 151 -8.02 -0.75 17.78
N GLU B 152 -6.88 -0.08 17.59
CA GLU B 152 -6.51 0.36 16.24
C GLU B 152 -6.00 -0.79 15.40
N PHE B 153 -5.30 -1.74 16.03
CA PHE B 153 -4.73 -2.87 15.28
C PHE B 153 -5.82 -3.76 14.70
N VAL B 154 -6.85 -4.07 15.51
CA VAL B 154 -7.92 -4.92 15.00
C VAL B 154 -8.70 -4.22 13.90
N CYS B 155 -8.79 -2.89 13.94
CA CYS B 155 -9.41 -2.17 12.84
C CYS B 155 -8.56 -2.25 11.58
N LEU B 156 -7.23 -2.19 11.73
CA LEU B 156 -6.34 -2.30 10.57
C LEU B 156 -6.43 -3.68 9.93
N LYS B 157 -6.50 -4.73 10.75
CA LYS B 157 -6.63 -6.08 10.21
C LYS B 157 -7.92 -6.24 9.43
N SER B 158 -9.02 -5.67 9.94
CA SER B 158 -10.30 -5.77 9.24
C SER B 158 -10.27 -5.01 7.92
N ILE B 159 -9.59 -3.86 7.89
CA ILE B 159 -9.45 -3.11 6.66
C ILE B 159 -8.67 -3.92 5.63
N ILE B 160 -7.59 -4.58 6.07
CA ILE B 160 -6.78 -5.39 5.17
C ILE B 160 -7.62 -6.51 4.57
N LEU B 161 -8.41 -7.19 5.41
CA LEU B 161 -9.27 -8.27 4.93
C LEU B 161 -10.23 -7.78 3.85
N LEU B 162 -10.83 -6.62 4.05
CA LEU B 162 -11.85 -6.13 3.14
C LEU B 162 -11.30 -5.36 1.94
N ASN B 163 -10.08 -4.83 2.04
CA ASN B 163 -9.54 -3.97 0.99
C ASN B 163 -8.61 -4.68 0.02
N SER B 164 -7.97 -5.78 0.41
CA SER B 164 -6.89 -6.34 -0.37
C SER B 164 -7.35 -7.05 -1.64
N GLY B 165 -8.66 -7.18 -1.87
CA GLY B 165 -9.13 -7.88 -3.04
C GLY B 165 -10.18 -7.16 -3.87
N VAL B 166 -10.63 -5.98 -3.42
CA VAL B 166 -11.75 -5.33 -4.09
C VAL B 166 -11.41 -4.92 -5.52
N TYR B 167 -10.13 -4.62 -5.79
N TYR B 167 -10.14 -4.65 -5.79
CA TYR B 167 -9.73 -4.22 -7.13
CA TYR B 167 -9.69 -4.22 -7.11
C TYR B 167 -9.18 -5.40 -7.92
C TYR B 167 -8.74 -5.24 -7.72
N LEU B 177 -21.40 -6.00 -8.53
CA LEU B 177 -21.14 -4.58 -8.27
C LEU B 177 -21.61 -4.20 -6.87
N GLU B 178 -22.82 -4.63 -6.52
CA GLU B 178 -23.35 -4.37 -5.18
C GLU B 178 -22.52 -5.04 -4.09
N GLU B 179 -21.77 -6.08 -4.44
CA GLU B 179 -20.87 -6.70 -3.47
C GLU B 179 -19.75 -5.75 -3.08
N LYS B 180 -19.18 -5.06 -4.07
CA LYS B 180 -18.16 -4.05 -3.76
C LYS B 180 -18.74 -2.90 -2.96
N ASP B 181 -19.99 -2.53 -3.25
CA ASP B 181 -20.63 -1.45 -2.50
C ASP B 181 -20.75 -1.80 -1.02
N HIS B 182 -21.14 -3.04 -0.71
CA HIS B 182 -21.24 -3.45 0.69
C HIS B 182 -19.88 -3.45 1.36
N ILE B 183 -18.83 -3.87 0.64
CA ILE B 183 -17.48 -3.86 1.19
C ILE B 183 -17.04 -2.44 1.51
N HIS B 184 -17.37 -1.50 0.62
CA HIS B 184 -16.99 -0.11 0.85
C HIS B 184 -17.76 0.51 2.01
N ARG B 185 -19.02 0.11 2.20
CA ARG B 185 -19.79 0.63 3.33
C ARG B 185 -19.22 0.14 4.65
N VAL B 186 -18.84 -1.14 4.72
CA VAL B 186 -18.21 -1.66 5.93
C VAL B 186 -16.84 -1.03 6.12
N LEU B 187 -16.09 -0.85 5.04
CA LEU B 187 -14.82 -0.13 5.13
C LEU B 187 -15.03 1.29 5.63
N ASP B 188 -16.10 1.94 5.18
CA ASP B 188 -16.42 3.28 5.65
C ASP B 188 -16.74 3.27 7.15
N LYS B 189 -17.40 2.21 7.62
CA LYS B 189 -17.76 2.15 9.03
C LYS B 189 -16.53 1.90 9.91
N ILE B 190 -15.59 1.09 9.43
CA ILE B 190 -14.35 0.88 10.17
C ILE B 190 -13.56 2.18 10.23
N THR B 191 -13.59 2.98 9.16
CA THR B 191 -12.98 4.30 9.19
C THR B 191 -13.64 5.17 10.25
N ASP B 192 -14.98 5.14 10.33
CA ASP B 192 -15.67 5.88 11.38
C ASP B 192 -15.32 5.35 12.75
N THR B 193 -15.09 4.03 12.86
CA THR B 193 -14.70 3.45 14.14
C THR B 193 -13.31 3.91 14.54
N LEU B 194 -12.36 3.92 13.59
CA LEU B 194 -11.01 4.37 13.89
C LEU B 194 -10.99 5.83 14.33
N ILE B 195 -11.73 6.70 13.61
CA ILE B 195 -11.79 8.10 13.99
C ILE B 195 -12.42 8.26 15.36
N HIS B 196 -13.46 7.46 15.66
CA HIS B 196 -14.08 7.50 16.98
C HIS B 196 -13.11 7.06 18.07
N LEU B 197 -12.24 6.09 17.74
CA LEU B 197 -11.26 5.61 18.72
C LEU B 197 -10.27 6.71 19.09
N MET B 198 -9.81 7.47 18.10
CA MET B 198 -8.84 8.53 18.40
C MET B 198 -9.51 9.73 19.05
N ALA B 199 -10.78 9.99 18.69
CA ALA B 199 -11.52 11.07 19.36
C ALA B 199 -11.71 10.74 20.83
N LYS B 200 -12.06 9.49 21.16
CA LYS B 200 -12.17 9.09 22.55
C LYS B 200 -10.82 9.12 23.26
N ALA B 201 -9.73 9.00 22.50
CA ALA B 201 -8.40 9.13 23.10
C ALA B 201 -8.02 10.58 23.38
N GLY B 202 -8.83 11.53 22.94
CA GLY B 202 -8.56 12.94 23.15
C GLY B 202 -7.85 13.64 22.01
N LEU B 203 -7.58 12.94 20.91
CA LEU B 203 -6.90 13.56 19.78
C LEU B 203 -7.77 14.65 19.16
N THR B 204 -7.14 15.76 18.79
CA THR B 204 -7.84 16.81 18.09
C THR B 204 -8.25 16.33 16.70
N LEU B 205 -9.13 17.11 16.06
CA LEU B 205 -9.60 16.74 14.73
C LEU B 205 -8.45 16.65 13.73
N GLN B 206 -7.48 17.57 13.84
CA GLN B 206 -6.31 17.49 12.98
C GLN B 206 -5.47 16.26 13.31
N GLN B 207 -5.28 15.98 14.60
CA GLN B 207 -4.54 14.79 14.99
C GLN B 207 -5.24 13.51 14.56
N GLN B 208 -6.58 13.55 14.46
CA GLN B 208 -7.33 12.36 14.08
C GLN B 208 -7.06 11.98 12.64
N HIS B 209 -7.33 12.90 11.70
CA HIS B 209 -7.12 12.57 10.30
C HIS B 209 -5.65 12.43 9.94
N GLN B 210 -4.75 13.03 10.72
CA GLN B 210 -3.33 12.80 10.51
C GLN B 210 -2.93 11.39 10.90
N ARG B 211 -3.42 10.91 12.05
CA ARG B 211 -3.08 9.57 12.51
C ARG B 211 -3.77 8.51 11.65
N LEU B 212 -5.01 8.76 11.25
CA LEU B 212 -5.69 7.83 10.33
C LEU B 212 -4.90 7.66 9.04
N ALA B 213 -4.40 8.77 8.49
CA ALA B 213 -3.59 8.69 7.27
C ALA B 213 -2.30 7.92 7.53
N GLN B 214 -1.65 8.16 8.66
CA GLN B 214 -0.43 7.44 8.98
C GLN B 214 -0.69 5.94 9.10
N LEU B 215 -1.84 5.56 9.67
CA LEU B 215 -2.17 4.15 9.82
C LEU B 215 -2.43 3.50 8.47
N LEU B 216 -3.23 4.15 7.62
CA LEU B 216 -3.57 3.56 6.34
C LEU B 216 -2.38 3.54 5.39
N LEU B 217 -1.44 4.48 5.54
CA LEU B 217 -0.24 4.44 4.72
C LEU B 217 0.69 3.29 5.10
N ILE B 218 0.61 2.81 6.34
CA ILE B 218 1.35 1.62 6.74
C ILE B 218 0.85 0.40 5.96
N LEU B 219 -0.45 0.39 5.63
CA LEU B 219 -1.01 -0.74 4.90
C LEU B 219 -0.37 -0.92 3.54
N SER B 220 0.08 0.17 2.91
N SER B 220 0.09 0.17 2.92
CA SER B 220 0.78 0.05 1.65
CA SER B 220 0.77 0.04 1.64
C SER B 220 2.09 -0.69 1.81
C SER B 220 2.13 -0.64 1.78
N HIS B 221 2.79 -0.48 2.94
CA HIS B 221 4.02 -1.19 3.20
C HIS B 221 3.75 -2.66 3.50
N ILE B 222 2.63 -2.96 4.16
CA ILE B 222 2.29 -4.35 4.45
C ILE B 222 1.94 -5.09 3.16
N ARG B 223 1.24 -4.42 2.24
CA ARG B 223 1.02 -4.99 0.92
C ARG B 223 2.35 -5.25 0.21
N HIS B 224 3.29 -4.31 0.32
CA HIS B 224 4.61 -4.49 -0.28
C HIS B 224 5.31 -5.71 0.29
N MET B 225 5.23 -5.90 1.61
CA MET B 225 5.84 -7.07 2.23
C MET B 225 5.17 -8.36 1.77
N SER B 226 3.85 -8.33 1.61
CA SER B 226 3.12 -9.51 1.16
C SER B 226 3.51 -9.89 -0.26
N ASN B 227 3.65 -8.89 -1.14
CA ASN B 227 4.08 -9.17 -2.51
C ASN B 227 5.48 -9.77 -2.52
N LYS B 228 6.41 -9.18 -1.78
CA LYS B 228 7.75 -9.75 -1.67
C LYS B 228 7.73 -11.09 -0.94
N GLY B 229 6.81 -11.25 0.01
CA GLY B 229 6.67 -12.54 0.67
C GLY B 229 6.23 -13.63 -0.29
N MET B 230 5.17 -13.38 -1.05
CA MET B 230 4.74 -14.31 -2.09
C MET B 230 5.87 -14.59 -3.07
N GLU B 231 6.58 -13.53 -3.48
CA GLU B 231 7.72 -13.69 -4.37
C GLU B 231 8.83 -14.52 -3.71
N HIS B 232 8.90 -14.51 -2.38
CA HIS B 232 9.90 -15.28 -1.64
C HIS B 232 9.41 -16.69 -1.33
N LEU B 233 8.24 -16.80 -0.67
CA LEU B 233 7.73 -18.11 -0.27
C LEU B 233 7.50 -19.02 -1.47
N TYR B 234 7.05 -18.47 -2.59
CA TYR B 234 6.73 -19.26 -3.77
C TYR B 234 7.84 -19.24 -4.81
N SER B 235 8.98 -18.63 -4.50
CA SER B 235 10.22 -18.93 -5.20
C SER B 235 10.91 -20.15 -4.60
N VAL B 241 -0.42 -28.08 -5.04
CA VAL B 241 -1.30 -28.78 -5.96
C VAL B 241 -2.74 -28.37 -5.71
N VAL B 242 -3.23 -28.62 -4.51
CA VAL B 242 -4.57 -28.23 -4.11
C VAL B 242 -4.61 -26.70 -3.99
N PRO B 243 -5.50 -26.02 -4.70
CA PRO B 243 -5.53 -24.55 -4.63
C PRO B 243 -5.98 -24.08 -3.26
N LEU B 244 -5.49 -22.89 -2.88
CA LEU B 244 -5.79 -22.34 -1.56
C LEU B 244 -7.29 -22.12 -1.37
N SER B 245 -8.01 -21.79 -2.45
CA SER B 245 -9.44 -21.56 -2.34
C SER B 245 -10.18 -22.80 -1.87
N ASP B 246 -9.80 -23.98 -2.38
CA ASP B 246 -10.40 -25.22 -1.91
C ASP B 246 -10.13 -25.43 -0.43
N LEU B 247 -8.91 -25.10 0.02
CA LEU B 247 -8.58 -25.27 1.43
C LEU B 247 -9.32 -24.25 2.29
N LEU B 248 -9.49 -23.02 1.80
CA LEU B 248 -10.25 -22.02 2.54
C LEU B 248 -11.71 -22.41 2.63
N LEU B 249 -12.27 -22.95 1.55
CA LEU B 249 -13.66 -23.40 1.57
C LEU B 249 -13.86 -24.50 2.60
N GLU B 250 -12.94 -25.47 2.65
CA GLU B 250 -13.06 -26.56 3.61
C GLU B 250 -12.95 -26.05 5.04
N MET B 251 -12.10 -25.05 5.28
CA MET B 251 -11.96 -24.49 6.62
C MET B 251 -13.25 -23.79 7.07
N LEU B 252 -14.03 -23.28 6.12
CA LEU B 252 -15.28 -22.60 6.44
C LEU B 252 -16.38 -23.55 6.90
N ASP B 253 -16.23 -24.85 6.66
CA ASP B 253 -17.24 -25.83 7.06
C ASP B 253 -17.20 -26.17 8.54
N ALA B 254 -16.18 -25.74 9.27
CA ALA B 254 -16.08 -26.01 10.69
C ALA B 254 -16.64 -24.86 11.52
N HIS C . 22.52 26.14 -13.45
CA HIS C . 22.52 26.88 -14.71
C HIS C . 21.99 28.30 -14.51
O HIS C . 20.79 28.50 -14.30
CB HIS C . 21.69 26.15 -15.76
CG HIS C . 22.42 25.01 -16.41
ND1 HIS C . 23.80 24.92 -16.42
CD2 HIS C . 21.96 23.92 -17.07
CE1 HIS C . 24.16 23.82 -17.08
NE2 HIS C . 23.06 23.20 -17.47
N1 TZI D . 4.08 0.45 -18.68
C4 TZI D . 3.04 4.49 -17.63
C5 TZI D . 3.55 3.08 -17.95
C6 TZI D . 4.46 2.87 -18.89
C7 TZI D . 2.88 1.98 -17.11
C8 TZI D . 3.48 0.58 -17.33
C10 TZI D . 3.75 -0.72 -19.56
C13 TZI D . 2.19 -4.11 -18.30
C15 TZI D . 0.39 -2.43 -18.65
C17 TZI D . 4.21 0.52 -15.94
C20 TZI D . 6.81 1.95 -17.61
C21 TZI D . 8.25 1.81 -17.11
C22 TZI D . 9.12 1.07 -17.79
C24 TZI D . 7.43 0.46 -19.50
C26 TZI D . 12.85 0.58 -17.64
C28 TZI D . 13.38 2.62 -16.68
C1 TZI D . 5.05 4.07 -19.66
C11 TZI D . 2.77 -1.84 -19.10
C12 TZI D . 3.21 -3.04 -18.75
C14 TZI D . 0.90 -3.83 -18.27
C16 TZI D . 1.26 -1.51 -19.05
C18 TZI D . 3.12 -0.46 -16.21
C19 TZI D . 6.43 1.32 -18.71
C2 TZI D . 4.62 5.29 -19.37
C23 TZI D . 8.69 0.34 -19.08
C25 TZI D . 11.38 0.48 -18.29
C27 TZI D . 12.76 1.27 -16.43
C29 TZI D . 13.76 1.36 -18.59
C3 TZI D . 3.55 5.53 -18.29
C30 TZI D . 15.33 2.34 -17.55
C31 TZI D . 16.21 3.45 -18.17
C32 TZI D . 16.15 4.72 -17.29
C9 TZI D . 4.97 1.46 -19.22
F1 TZI D . 15.34 5.66 -17.88
N2 TZI D . 14.16 2.48 -17.86
O1 TZI D . 4.23 -0.78 -20.64
O2 TZI D . 3.10 6.83 -18.00
O3 TZI D . 10.45 0.95 -17.32
N1 A1BV9 E . 6.93 -15.98 7.54
C4 A1BV9 E . 3.86 -14.83 10.32
C5 A1BV9 E . 4.85 -15.31 9.25
C6 A1BV9 E . 5.09 -16.60 9.05
C7 A1BV9 E . 5.50 -14.16 8.46
C8 A1BV9 E . 6.39 -14.63 7.29
C10 A1BV9 E . 8.39 -16.28 7.37
C13 A1BV9 E . 11.02 -14.15 5.34
C15 A1BV9 E . 10.66 -13.12 7.57
C17 A1BV9 E . 5.42 -14.15 6.15
C20 A1BV9 E . 4.10 -17.26 6.47
C21 A1BV9 E . 3.31 -17.93 5.32
C22 A1BV9 E . 3.80 -19.00 4.72
C24 A1BV9 E . 5.85 -18.99 6.11
C26 A1BV9 E . 1.91 -21.52 2.62
C28 A1BV9 E . 1.07 -23.64 2.20
C1 A1BV9 E . 4.36 -17.64 9.91
C11 A1BV9 E . 9.43 -15.18 6.93
C12 A1BV9 E . 10.01 -15.24 5.75
C14 A1BV9 E . 11.32 -13.17 6.18
C16 A1BV9 E . 9.78 -14.06 7.92
C18 A1BV9 E . 6.76 -13.51 6.27
C19 A1BV9 E . 5.28 -17.74 6.82
C2 A1BV9 E . 3.52 -17.24 10.85
C23 A1BV9 E . 5.16 -19.57 5.13
C25 A1BV9 E . 2.93 -21.01 3.77
C27 A1BV9 E . 2.31 -22.80 2.17
C29 A1BV9 E . 0.51 -21.61 3.20
C3 A1BV9 E . 3.24 -15.74 11.07
C30 A1BV9 E . -1.01 -22.89 2.33
C31 A1BV9 E . -1.65 -24.31 2.29
C32 A1BV9 E . -1.80 -24.90 3.70
C9 A1BV9 E . 6.08 -17.07 7.97
F1 A1BV9 E . -2.36 -23.99 4.55
N2 A1BV9 E . 0.07 -22.92 2.92
O1 A1BV9 E . 8.78 -17.37 7.58
O2 A1BV9 E . 2.32 -15.33 12.06
O3 A1BV9 E . 3.06 -19.61 3.66
#